data_7O4D
#
_entry.id   7O4D
#
_cell.length_a   57.031
_cell.length_b   83.362
_cell.length_c   106.486
_cell.angle_alpha   90.000
_cell.angle_beta   90.000
_cell.angle_gamma   90.000
#
_symmetry.space_group_name_H-M   'P 21 21 21'
#
loop_
_entity.id
_entity.type
_entity.pdbx_description
1 polymer 'Ribosyldihydronicotinamide dehydrogenase [quinone]'
2 non-polymer 'ZINC ION'
3 non-polymer 'FLAVIN-ADENINE DINUCLEOTIDE'
4 non-polymer 'SULFATE ION'
5 non-polymer 8-methyl-2-(4-methyl-3-piperazin-1-ylsulfonyl-phenyl)imidazo[1,2-a]pyridine
6 water water
#
_entity_poly.entity_id   1
_entity_poly.type   'polypeptide(L)'
_entity_poly.pdbx_seq_one_letter_code
;MAGLNDIFEAQKIEWHEMAGKKVLIVYAHQEPKSFNGSLKNVAVDELSRQGCTVTVSDLYAMNFEPRATDKDITGTLSNP
EVFNYGVETHEAYKQRSLASDITDEQKKVREADLVIFQFPLYWFSVPAILKGWMDRVLCQGFAFDIPGFYDSGLLQGKLA
LLSVTTGGTAEMYTKTGVNGDSRYFLWPLQHGTLHFCGFKVLAPQISFAPEIASEEERKGMVAAWSQRLQTIWKEEPIPC
TAHWHFGQ
;
_entity_poly.pdbx_strand_id   A,B
#
loop_
_chem_comp.id
_chem_comp.type
_chem_comp.name
_chem_comp.formula
FAD non-polymer 'FLAVIN-ADENINE DINUCLEOTIDE' 'C27 H33 N9 O15 P2'
SO4 non-polymer 'SULFATE ION' 'O4 S -2'
V1Z non-polymer 8-methyl-2-(4-methyl-3-piperazin-1-ylsulfonyl-phenyl)imidazo[1,2-a]pyridine 'C19 H22 N4 O2 S'
ZN non-polymer 'ZINC ION' 'Zn 2'
#
# COMPACT_ATOMS: atom_id res chain seq x y z
N ALA A 19 5.62 13.66 33.26
CA ALA A 19 5.60 13.28 31.84
C ALA A 19 6.02 14.48 30.99
N GLY A 20 6.08 14.24 29.69
CA GLY A 20 6.70 15.10 28.71
C GLY A 20 6.88 14.32 27.43
N LYS A 21 5.90 13.48 27.15
CA LYS A 21 5.92 12.58 26.00
C LYS A 21 5.50 13.31 24.73
N LYS A 22 6.08 12.91 23.60
CA LYS A 22 5.80 13.50 22.30
C LYS A 22 5.09 12.50 21.40
N VAL A 23 3.98 12.94 20.81
CA VAL A 23 3.19 12.13 19.90
C VAL A 23 3.13 12.82 18.54
N LEU A 24 3.41 12.05 17.49
CA LEU A 24 3.14 12.45 16.12
C LEU A 24 1.93 11.66 15.61
N ILE A 25 0.95 12.37 15.06
CA ILE A 25 -0.16 11.73 14.36
C ILE A 25 0.02 11.94 12.86
N VAL A 26 0.10 10.85 12.11
CA VAL A 26 0.13 10.92 10.66
C VAL A 26 -1.26 10.60 10.15
N TYR A 27 -1.92 11.61 9.58
CA TYR A 27 -3.35 11.63 9.30
C TYR A 27 -3.58 11.69 7.79
N ALA A 28 -4.43 10.77 7.28
CA ALA A 28 -4.65 10.60 5.84
C ALA A 28 -6.17 10.53 5.56
N HIS A 29 -6.84 11.67 5.66
CA HIS A 29 -8.23 11.77 5.21
C HIS A 29 -8.48 13.14 4.62
N GLN A 30 -9.32 13.18 3.57
CA GLN A 30 -9.58 14.41 2.83
C GLN A 30 -10.59 15.34 3.51
N GLU A 31 -11.43 14.82 4.40
CA GLU A 31 -12.57 15.56 4.93
C GLU A 31 -12.42 15.80 6.43
N PRO A 32 -12.32 17.06 6.88
CA PRO A 32 -12.23 17.31 8.33
C PRO A 32 -13.43 16.76 9.12
N LYS A 33 -14.64 16.84 8.58
CA LYS A 33 -15.84 16.41 9.31
C LYS A 33 -16.03 14.90 9.28
N SER A 34 -15.08 14.16 8.73
CA SER A 34 -15.17 12.72 8.58
C SER A 34 -14.97 11.99 9.91
N PHE A 35 -15.29 10.69 9.91
CA PHE A 35 -15.06 9.89 11.10
C PHE A 35 -13.58 9.83 11.44
N ASN A 36 -12.73 9.70 10.42
CA ASN A 36 -11.29 9.77 10.64
C ASN A 36 -10.88 11.12 11.22
N GLY A 37 -11.52 12.20 10.73
CA GLY A 37 -11.22 13.51 11.27
C GLY A 37 -11.59 13.65 12.73
N SER A 38 -12.76 13.13 13.13
CA SER A 38 -13.13 13.16 14.54
C SER A 38 -12.17 12.31 15.37
N LEU A 39 -11.77 11.14 14.88
CA LEU A 39 -10.82 10.33 15.63
C LEU A 39 -9.47 11.06 15.78
N LYS A 40 -9.05 11.81 14.77
CA LYS A 40 -7.83 12.60 14.89
C LYS A 40 -8.00 13.75 15.87
N ASN A 41 -9.11 14.48 15.77
CA ASN A 41 -9.35 15.58 16.70
C ASN A 41 -9.45 15.10 18.13
N VAL A 42 -10.01 13.91 18.35
CA VAL A 42 -10.11 13.37 19.71
C VAL A 42 -8.73 13.04 20.27
N ALA A 43 -7.83 12.55 19.43
CA ALA A 43 -6.48 12.24 19.91
C ALA A 43 -5.71 13.50 20.22
N VAL A 44 -5.86 14.53 19.38
CA VAL A 44 -5.24 15.82 19.68
C VAL A 44 -5.75 16.34 21.01
N ASP A 45 -7.08 16.43 21.16
CA ASP A 45 -7.66 16.97 22.38
C ASP A 45 -7.22 16.16 23.60
N GLU A 46 -7.33 14.84 23.52
CA GLU A 46 -7.08 14.00 24.68
C GLU A 46 -5.60 14.01 25.07
N LEU A 47 -4.70 13.86 24.11
CA LEU A 47 -3.28 13.88 24.44
C LEU A 47 -2.84 15.28 24.86
N SER A 48 -3.41 16.31 24.23
CA SER A 48 -3.07 17.69 24.62
C SER A 48 -3.52 18.00 26.03
N ARG A 49 -4.74 17.60 26.40
CA ARG A 49 -5.25 17.75 27.76
C ARG A 49 -4.37 17.06 28.80
N GLN A 50 -3.76 15.93 28.45
CA GLN A 50 -2.90 15.19 29.38
C GLN A 50 -1.51 15.81 29.55
N GLY A 51 -1.19 16.87 28.82
CA GLY A 51 0.12 17.48 28.93
C GLY A 51 1.13 16.97 27.92
N CYS A 52 0.75 16.08 27.01
CA CYS A 52 1.68 15.56 26.02
C CYS A 52 1.89 16.59 24.91
N THR A 53 3.04 16.49 24.25
CA THR A 53 3.37 17.32 23.10
C THR A 53 2.84 16.67 21.82
N VAL A 54 2.04 17.39 21.05
CA VAL A 54 1.30 16.81 19.93
C VAL A 54 1.65 17.50 18.62
N THR A 55 1.91 16.72 17.58
CA THR A 55 2.15 17.20 16.23
C THR A 55 1.27 16.37 15.30
N VAL A 56 0.74 17.00 14.26
CA VAL A 56 -0.10 16.32 13.27
C VAL A 56 0.45 16.56 11.87
N SER A 57 0.68 15.49 11.13
CA SER A 57 1.02 15.58 9.72
C SER A 57 -0.27 15.28 8.93
N ASP A 58 -0.95 16.33 8.48
CA ASP A 58 -2.18 16.23 7.70
C ASP A 58 -1.79 16.05 6.24
N LEU A 59 -1.65 14.80 5.81
CA LEU A 59 -1.01 14.52 4.52
C LEU A 59 -1.75 15.18 3.36
N TYR A 60 -3.08 15.07 3.32
CA TYR A 60 -3.80 15.70 2.20
C TYR A 60 -3.70 17.22 2.28
N ALA A 61 -3.82 17.80 3.49
CA ALA A 61 -3.70 19.25 3.59
C ALA A 61 -2.34 19.73 3.13
N MET A 62 -1.29 18.93 3.34
CA MET A 62 0.07 19.29 2.93
C MET A 62 0.33 19.01 1.46
N ASN A 63 -0.61 18.35 0.77
CA ASN A 63 -0.37 17.83 -0.58
C ASN A 63 0.90 16.97 -0.63
N PHE A 64 1.06 16.10 0.38
CA PHE A 64 2.28 15.32 0.54
C PHE A 64 2.58 14.48 -0.69
N GLU A 65 3.83 14.56 -1.15
CA GLU A 65 4.26 13.86 -2.35
C GLU A 65 4.40 12.36 -2.09
N PRO A 66 3.64 11.51 -2.75
CA PRO A 66 3.76 10.06 -2.52
C PRO A 66 4.78 9.36 -3.41
N ARG A 67 5.19 9.99 -4.52
CA ARG A 67 6.03 9.28 -5.47
C ARG A 67 7.49 9.26 -5.02
N ALA A 68 8.11 8.08 -5.04
CA ALA A 68 9.55 7.93 -4.84
C ALA A 68 10.29 8.22 -6.14
N THR A 69 10.91 9.40 -6.25
CA THR A 69 11.56 9.85 -7.47
C THR A 69 12.87 10.52 -7.13
N ASP A 70 13.67 10.82 -8.17
CA ASP A 70 14.98 11.46 -7.98
C ASP A 70 14.87 12.89 -7.49
N LYS A 71 13.66 13.44 -7.44
CA LYS A 71 13.43 14.74 -6.80
C LYS A 71 13.61 14.67 -5.28
N ASP A 72 13.70 13.47 -4.72
CA ASP A 72 13.88 13.34 -3.27
C ASP A 72 15.33 13.58 -2.86
N ILE A 73 16.25 13.66 -3.82
CA ILE A 73 17.65 13.98 -3.54
C ILE A 73 17.93 15.37 -4.10
N THR A 74 18.47 16.24 -3.26
CA THR A 74 18.91 17.56 -3.66
C THR A 74 20.39 17.52 -4.06
N GLY A 75 20.80 18.54 -4.79
CA GLY A 75 22.17 18.58 -5.28
C GLY A 75 22.26 17.70 -6.50
N THR A 76 23.34 16.92 -6.62
CA THR A 76 23.43 15.99 -7.72
C THR A 76 23.67 14.57 -7.21
N LEU A 77 23.34 13.62 -8.07
CA LEU A 77 23.15 12.24 -7.70
C LEU A 77 24.48 11.49 -7.64
N SER A 78 24.54 10.52 -6.72
CA SER A 78 25.68 9.62 -6.66
C SER A 78 26.01 9.02 -8.03
N ASN A 79 24.98 8.62 -8.78
CA ASN A 79 25.15 8.03 -10.10
C ASN A 79 24.00 8.46 -10.98
N PRO A 80 24.16 9.56 -11.74
CA PRO A 80 23.03 10.14 -12.48
C PRO A 80 22.62 9.37 -13.73
N GLU A 81 23.41 8.39 -14.20
CA GLU A 81 23.07 7.73 -15.45
C GLU A 81 22.17 6.50 -15.25
N VAL A 82 22.19 5.88 -14.06
CA VAL A 82 21.29 4.78 -13.72
C VAL A 82 20.75 5.06 -12.32
N PHE A 83 19.45 5.33 -12.21
CA PHE A 83 18.83 5.79 -10.96
C PHE A 83 18.36 4.61 -10.10
N ASN A 84 18.92 4.51 -8.90
CA ASN A 84 18.58 3.49 -7.91
C ASN A 84 18.05 4.26 -6.69
N TYR A 85 16.73 4.23 -6.49
CA TYR A 85 16.13 5.04 -5.42
C TYR A 85 16.71 4.68 -4.05
N GLY A 86 16.87 3.38 -3.78
CA GLY A 86 17.30 2.96 -2.45
C GLY A 86 18.71 3.40 -2.12
N VAL A 87 19.64 3.23 -3.07
CA VAL A 87 21.01 3.65 -2.85
C VAL A 87 21.10 5.16 -2.72
N GLU A 88 20.45 5.89 -3.64
CA GLU A 88 20.60 7.33 -3.67
C GLU A 88 20.01 7.99 -2.43
N THR A 89 18.87 7.49 -1.95
CA THR A 89 18.32 8.12 -0.75
C THR A 89 19.13 7.73 0.47
N HIS A 90 19.71 6.52 0.48
CA HIS A 90 20.59 6.14 1.58
C HIS A 90 21.78 7.08 1.67
N GLU A 91 22.46 7.30 0.55
CA GLU A 91 23.60 8.21 0.54
C GLU A 91 23.18 9.65 0.81
N ALA A 92 22.00 10.04 0.31
CA ALA A 92 21.52 11.41 0.56
C ALA A 92 21.23 11.62 2.04
N TYR A 93 20.68 10.62 2.72
CA TYR A 93 20.42 10.80 4.15
C TYR A 93 21.72 11.03 4.92
N LYS A 94 22.73 10.17 4.68
CA LYS A 94 24.02 10.29 5.34
C LYS A 94 24.68 11.63 5.03
N GLN A 95 24.48 12.14 3.82
CA GLN A 95 25.08 13.38 3.36
C GLN A 95 24.16 14.58 3.54
N ARG A 96 23.04 14.40 4.23
CA ARG A 96 22.13 15.51 4.55
C ARG A 96 21.68 16.23 3.28
N SER A 97 21.33 15.49 2.23
CA SER A 97 20.87 16.13 1.00
C SER A 97 19.56 15.52 0.51
N LEU A 98 18.68 15.12 1.44
CA LEU A 98 17.33 14.73 1.06
C LEU A 98 16.44 15.96 0.93
N ALA A 99 15.39 15.83 0.11
CA ALA A 99 14.39 16.89 0.01
C ALA A 99 13.81 17.22 1.38
N SER A 100 13.40 18.49 1.54
CA SER A 100 13.06 19.01 2.86
C SER A 100 11.74 18.47 3.38
N ASP A 101 10.81 18.11 2.48
CA ASP A 101 9.57 17.51 2.97
C ASP A 101 9.84 16.17 3.64
N ILE A 102 10.76 15.38 3.10
CA ILE A 102 11.17 14.14 3.77
C ILE A 102 11.83 14.45 5.11
N THR A 103 12.82 15.34 5.12
CA THR A 103 13.55 15.59 6.36
C THR A 103 12.68 16.26 7.42
N ASP A 104 11.71 17.10 7.01
CA ASP A 104 10.72 17.62 7.96
C ASP A 104 9.99 16.49 8.67
N GLU A 105 9.55 15.46 7.93
CA GLU A 105 8.84 14.36 8.57
C GLU A 105 9.78 13.55 9.47
N GLN A 106 11.02 13.31 9.01
CA GLN A 106 11.97 12.56 9.83
C GLN A 106 12.27 13.29 11.14
N LYS A 107 12.28 14.63 11.12
CA LYS A 107 12.49 15.37 12.37
C LYS A 107 11.36 15.09 13.35
N LYS A 108 10.10 15.17 12.88
CA LYS A 108 8.96 14.87 13.76
C LYS A 108 9.03 13.44 14.29
N VAL A 109 9.41 12.47 13.44
CA VAL A 109 9.47 11.08 13.87
C VAL A 109 10.57 10.87 14.90
N ARG A 110 11.77 11.39 14.59
CA ARG A 110 12.92 11.25 15.47
C ARG A 110 12.60 11.75 16.88
N GLU A 111 11.84 12.85 16.97
CA GLU A 111 11.42 13.42 18.24
C GLU A 111 10.30 12.64 18.93
N ALA A 112 9.53 11.87 18.19
CA ALA A 112 8.30 11.31 18.74
C ALA A 112 8.59 10.10 19.61
N ASP A 113 7.84 9.98 20.71
CA ASP A 113 7.82 8.73 21.48
C ASP A 113 6.73 7.78 21.00
N LEU A 114 5.72 8.28 20.30
CA LEU A 114 4.63 7.46 19.78
C LEU A 114 4.23 8.06 18.44
N VAL A 115 4.02 7.19 17.44
CA VAL A 115 3.49 7.61 16.15
C VAL A 115 2.16 6.89 15.95
N ILE A 116 1.09 7.68 15.89
CA ILE A 116 -0.24 7.18 15.58
C ILE A 116 -0.50 7.44 14.10
N PHE A 117 -0.98 6.41 13.38
CA PHE A 117 -1.43 6.54 12.00
C PHE A 117 -2.95 6.47 11.99
N GLN A 118 -3.59 7.47 11.37
CA GLN A 118 -5.04 7.59 11.37
C GLN A 118 -5.50 7.61 9.92
N PHE A 119 -6.23 6.57 9.49
CA PHE A 119 -6.50 6.44 8.06
C PHE A 119 -7.68 5.50 7.83
N PRO A 120 -8.45 5.73 6.77
CA PRO A 120 -9.40 4.72 6.31
C PRO A 120 -8.70 3.60 5.56
N LEU A 121 -9.18 2.38 5.74
CA LEU A 121 -8.65 1.25 4.98
C LEU A 121 -8.95 1.42 3.49
N TYR A 122 -7.91 1.37 2.67
CA TYR A 122 -8.03 1.42 1.21
C TYR A 122 -7.39 0.15 0.67
N TRP A 123 -8.19 -0.72 0.04
CA TRP A 123 -7.69 -1.94 -0.58
C TRP A 123 -6.79 -2.71 0.39
N PHE A 124 -7.35 -2.97 1.57
CA PHE A 124 -6.70 -3.76 2.62
C PHE A 124 -5.36 -3.15 3.05
N SER A 125 -5.18 -1.85 2.85
CA SER A 125 -3.89 -1.21 3.11
C SER A 125 -4.13 0.25 3.51
N VAL A 126 -3.06 1.05 3.44
CA VAL A 126 -3.14 2.49 3.69
C VAL A 126 -3.50 3.19 2.39
N PRO A 127 -4.13 4.35 2.43
CA PRO A 127 -4.24 5.17 1.22
C PRO A 127 -2.86 5.51 0.67
N ALA A 128 -2.81 5.68 -0.65
CA ALA A 128 -1.54 5.84 -1.35
C ALA A 128 -0.74 7.02 -0.81
N ILE A 129 -1.43 8.09 -0.38
CA ILE A 129 -0.70 9.25 0.13
C ILE A 129 0.02 8.89 1.42
N LEU A 130 -0.58 8.03 2.25
CA LEU A 130 0.12 7.55 3.44
C LEU A 130 1.16 6.48 3.08
N LYS A 131 0.89 5.64 2.07
CA LYS A 131 1.91 4.71 1.60
C LYS A 131 3.17 5.47 1.15
N GLY A 132 2.98 6.59 0.46
CA GLY A 132 4.12 7.39 0.04
C GLY A 132 4.91 7.96 1.20
N TRP A 133 4.22 8.34 2.27
CA TRP A 133 4.92 8.76 3.49
C TRP A 133 5.86 7.65 3.96
N MET A 134 5.36 6.43 4.03
CA MET A 134 6.20 5.31 4.47
C MET A 134 7.35 5.08 3.49
N ASP A 135 7.05 5.04 2.18
CA ASP A 135 8.10 4.79 1.20
C ASP A 135 9.22 5.82 1.29
N ARG A 136 8.87 7.10 1.47
CA ARG A 136 9.85 8.17 1.33
C ARG A 136 10.48 8.62 2.65
N VAL A 137 9.77 8.51 3.77
CA VAL A 137 10.27 8.99 5.05
C VAL A 137 11.12 7.95 5.77
N LEU A 138 10.72 6.69 5.68
CA LEU A 138 11.40 5.62 6.42
C LEU A 138 12.58 5.06 5.63
N CYS A 139 13.56 5.94 5.34
CA CYS A 139 14.61 5.57 4.40
C CYS A 139 15.74 4.85 5.14
N GLN A 140 16.61 4.23 4.36
CA GLN A 140 17.75 3.51 4.91
C GLN A 140 18.70 4.48 5.60
N GLY A 141 19.19 4.08 6.76
CA GLY A 141 20.04 4.91 7.56
C GLY A 141 19.29 5.75 8.57
N PHE A 142 18.01 6.04 8.28
CA PHE A 142 17.12 6.71 9.23
C PHE A 142 16.29 5.72 10.03
N ALA A 143 15.54 4.87 9.34
CA ALA A 143 14.62 3.95 10.01
C ALA A 143 15.19 2.55 10.19
N PHE A 144 16.20 2.18 9.40
CA PHE A 144 16.75 0.83 9.44
C PHE A 144 18.07 0.87 8.69
N ASP A 145 18.88 -0.15 8.93
CA ASP A 145 20.06 -0.38 8.13
C ASP A 145 20.43 -1.85 8.28
N ILE A 146 21.59 -2.22 7.75
CA ILE A 146 22.24 -3.46 8.11
C ILE A 146 23.28 -3.12 9.17
N PRO A 147 23.18 -3.68 10.39
CA PRO A 147 22.29 -4.77 10.82
C PRO A 147 21.01 -4.39 11.56
N GLY A 148 20.66 -3.11 11.59
CA GLY A 148 19.56 -2.71 12.45
C GLY A 148 18.16 -2.79 11.86
N PHE A 149 17.45 -3.89 12.12
CA PHE A 149 16.11 -4.08 11.61
C PHE A 149 15.37 -5.05 12.53
N TYR A 150 14.04 -5.04 12.42
CA TYR A 150 13.14 -5.74 13.34
C TYR A 150 13.52 -5.27 14.74
N ASP A 151 13.75 -6.15 15.71
CA ASP A 151 13.98 -5.70 17.09
C ASP A 151 15.08 -4.66 17.19
N SER A 152 16.06 -4.69 16.30
CA SER A 152 17.16 -3.74 16.36
CA SER A 152 17.17 -3.76 16.34
C SER A 152 17.06 -2.65 15.30
N GLY A 153 15.86 -2.41 14.75
CA GLY A 153 15.69 -1.32 13.82
C GLY A 153 15.96 0.03 14.47
N LEU A 154 16.23 1.03 13.63
CA LEU A 154 16.78 2.29 14.12
C LEU A 154 15.79 3.12 14.91
N LEU A 155 14.50 2.77 14.90
CA LEU A 155 13.49 3.48 15.68
C LEU A 155 13.14 2.74 16.95
N GLN A 156 13.99 1.81 17.39
CA GLN A 156 13.75 1.11 18.63
C GLN A 156 13.61 2.10 19.78
N GLY A 157 12.73 1.79 20.71
CA GLY A 157 12.38 2.71 21.77
C GLY A 157 11.06 3.42 21.55
N LYS A 158 10.61 3.50 20.31
CA LYS A 158 9.40 4.21 19.96
C LYS A 158 8.22 3.26 19.86
N LEU A 159 7.02 3.80 20.08
CA LEU A 159 5.77 3.08 19.91
C LEU A 159 5.06 3.52 18.64
N ALA A 160 4.30 2.60 18.05
CA ALA A 160 3.51 2.92 16.86
C ALA A 160 2.15 2.27 17.00
N LEU A 161 1.14 2.93 16.43
CA LEU A 161 -0.25 2.52 16.60
C LEU A 161 -1.04 2.83 15.34
N LEU A 162 -1.69 1.80 14.77
CA LEU A 162 -2.60 1.97 13.63
C LEU A 162 -4.03 2.16 14.12
N SER A 163 -4.61 3.31 13.82
CA SER A 163 -6.04 3.60 14.07
C SER A 163 -6.72 3.62 12.70
N VAL A 164 -7.42 2.53 12.37
CA VAL A 164 -7.94 2.33 11.03
C VAL A 164 -9.47 2.17 11.10
N THR A 165 -10.16 2.79 10.15
CA THR A 165 -11.58 2.61 9.94
C THR A 165 -11.79 1.77 8.68
N THR A 166 -12.86 0.98 8.66
CA THR A 166 -13.14 0.09 7.54
C THR A 166 -14.53 0.37 6.95
N GLY A 167 -14.76 -0.10 5.73
CA GLY A 167 -16.11 -0.17 5.22
C GLY A 167 -16.82 -1.41 5.73
N GLY A 168 -16.09 -2.52 5.78
CA GLY A 168 -16.70 -3.78 6.15
C GLY A 168 -16.81 -3.97 7.66
N THR A 169 -17.78 -4.78 8.06
CA THR A 169 -18.12 -5.02 9.45
C THR A 169 -17.14 -6.00 10.09
N ALA A 170 -17.20 -6.04 11.42
CA ALA A 170 -16.33 -6.95 12.17
C ALA A 170 -16.59 -8.42 11.78
N GLU A 171 -17.85 -8.78 11.53
CA GLU A 171 -18.16 -10.18 11.16
C GLU A 171 -17.44 -10.59 9.87
N MET A 172 -17.46 -9.70 8.88
CA MET A 172 -16.82 -9.98 7.60
C MET A 172 -15.33 -10.18 7.76
N TYR A 173 -14.71 -9.48 8.72
CA TYR A 173 -13.28 -9.59 8.96
C TYR A 173 -12.98 -10.65 10.03
N THR A 174 -13.54 -11.84 9.88
CA THR A 174 -13.17 -12.98 10.70
C THR A 174 -12.52 -14.05 9.84
N LYS A 175 -11.84 -15.00 10.49
CA LYS A 175 -11.03 -15.98 9.77
C LYS A 175 -11.83 -16.71 8.69
N THR A 176 -13.11 -16.98 8.95
CA THR A 176 -13.97 -17.69 8.00
C THR A 176 -14.89 -16.77 7.20
N GLY A 177 -15.01 -15.50 7.57
CA GLY A 177 -15.77 -14.54 6.78
C GLY A 177 -15.11 -14.21 5.45
N VAL A 178 -15.79 -13.37 4.67
CA VAL A 178 -15.40 -13.13 3.28
C VAL A 178 -14.06 -12.40 3.19
N ASN A 179 -13.75 -11.59 4.18
CA ASN A 179 -12.55 -10.78 4.16
C ASN A 179 -11.36 -11.43 4.86
N GLY A 180 -11.58 -12.51 5.61
CA GLY A 180 -10.55 -13.04 6.47
C GLY A 180 -10.35 -12.20 7.72
N ASP A 181 -9.55 -12.73 8.64
CA ASP A 181 -9.23 -12.02 9.88
C ASP A 181 -8.64 -10.65 9.55
N SER A 182 -9.06 -9.63 10.32
CA SER A 182 -8.49 -8.30 10.11
C SER A 182 -6.99 -8.30 10.35
N ARG A 183 -6.51 -9.19 11.21
CA ARG A 183 -5.07 -9.30 11.43
C ARG A 183 -4.32 -9.69 10.16
N TYR A 184 -4.98 -10.34 9.20
CA TYR A 184 -4.29 -10.71 7.97
C TYR A 184 -3.80 -9.46 7.23
N PHE A 185 -4.62 -8.41 7.16
CA PHE A 185 -4.13 -7.25 6.41
C PHE A 185 -3.24 -6.35 7.26
N LEU A 186 -3.19 -6.55 8.58
CA LEU A 186 -2.27 -5.75 9.37
C LEU A 186 -0.81 -6.19 9.21
N TRP A 187 -0.58 -7.40 8.67
CA TRP A 187 0.78 -7.96 8.59
C TRP A 187 1.75 -7.07 7.83
N PRO A 188 1.46 -6.61 6.61
CA PRO A 188 2.41 -5.71 5.93
C PRO A 188 2.69 -4.43 6.70
N LEU A 189 1.68 -3.85 7.32
CA LEU A 189 1.86 -2.59 8.03
C LEU A 189 2.56 -2.80 9.37
N GLN A 190 1.98 -3.64 10.25
CA GLN A 190 2.52 -3.79 11.58
C GLN A 190 3.90 -4.45 11.56
N HIS A 191 4.04 -5.57 10.83
CA HIS A 191 5.30 -6.32 10.90
C HIS A 191 6.31 -5.88 9.82
N GLY A 192 5.88 -5.90 8.56
CA GLY A 192 6.80 -5.60 7.47
C GLY A 192 7.29 -4.16 7.49
N THR A 193 6.52 -3.25 8.08
CA THR A 193 6.92 -1.84 8.08
C THR A 193 7.32 -1.41 9.49
N LEU A 194 6.38 -1.35 10.44
CA LEU A 194 6.66 -0.71 11.73
C LEU A 194 7.64 -1.53 12.56
N HIS A 195 7.34 -2.80 12.80
CA HIS A 195 8.29 -3.67 13.47
C HIS A 195 9.64 -3.69 12.77
N PHE A 196 9.65 -3.75 11.43
CA PHE A 196 10.92 -3.87 10.73
C PHE A 196 11.85 -2.72 11.08
N CYS A 197 11.30 -1.54 11.32
CA CYS A 197 12.04 -0.32 11.65
C CYS A 197 12.35 -0.20 13.14
N GLY A 198 11.95 -1.17 13.95
CA GLY A 198 12.26 -1.17 15.37
C GLY A 198 11.16 -0.69 16.28
N PHE A 199 10.04 -0.20 15.73
CA PHE A 199 8.90 0.16 16.55
C PHE A 199 8.43 -1.03 17.38
N LYS A 200 8.03 -0.77 18.60
CA LYS A 200 7.09 -1.65 19.27
C LYS A 200 5.70 -1.20 18.85
N VAL A 201 4.85 -2.17 18.54
CA VAL A 201 3.56 -1.92 17.92
C VAL A 201 2.47 -2.10 18.97
N LEU A 202 1.75 -1.02 19.26
CA LEU A 202 0.59 -1.15 20.13
C LEU A 202 -0.56 -1.81 19.38
N ALA A 203 -1.49 -2.38 20.15
CA ALA A 203 -2.64 -3.05 19.56
C ALA A 203 -3.39 -2.11 18.62
N PRO A 204 -3.80 -2.57 17.44
CA PRO A 204 -4.46 -1.66 16.49
C PRO A 204 -5.74 -1.12 17.10
N GLN A 205 -6.16 0.07 16.66
CA GLN A 205 -7.49 0.56 16.96
C GLN A 205 -8.31 0.49 15.69
N ILE A 206 -9.26 -0.45 15.63
CA ILE A 206 -10.09 -0.63 14.45
C ILE A 206 -11.51 -0.22 14.80
N SER A 207 -12.02 0.80 14.11
CA SER A 207 -13.42 1.20 14.22
C SER A 207 -14.12 0.67 12.97
N PHE A 208 -14.80 -0.46 13.12
CA PHE A 208 -15.40 -1.14 11.99
C PHE A 208 -16.63 -0.38 11.47
N ALA A 209 -16.66 -0.17 10.16
CA ALA A 209 -17.88 0.21 9.45
C ALA A 209 -18.68 1.36 10.11
N PRO A 210 -18.05 2.50 10.37
CA PRO A 210 -18.82 3.63 10.90
C PRO A 210 -19.89 4.14 9.93
N GLU A 211 -19.77 3.88 8.62
CA GLU A 211 -20.73 4.44 7.67
C GLU A 211 -22.10 3.80 7.81
N ILE A 212 -22.17 2.51 8.15
CA ILE A 212 -23.46 1.86 8.35
C ILE A 212 -23.86 1.78 9.81
N ALA A 213 -22.97 2.14 10.74
CA ALA A 213 -23.27 2.13 12.15
C ALA A 213 -24.28 3.21 12.51
N SER A 214 -25.09 2.94 13.53
CA SER A 214 -26.02 3.93 14.05
C SER A 214 -25.26 5.07 14.70
N GLU A 215 -26.01 6.14 15.01
CA GLU A 215 -25.45 7.26 15.76
C GLU A 215 -24.87 6.78 17.09
N GLU A 216 -25.58 5.87 17.77
CA GLU A 216 -25.14 5.44 19.09
C GLU A 216 -23.83 4.65 19.01
N GLU A 217 -23.72 3.73 18.04
CA GLU A 217 -22.49 2.95 17.94
C GLU A 217 -21.31 3.78 17.46
N ARG A 218 -21.56 4.77 16.59
CA ARG A 218 -20.50 5.67 16.15
C ARG A 218 -19.90 6.44 17.33
N LYS A 219 -20.77 7.00 18.17
CA LYS A 219 -20.25 7.70 19.34
C LYS A 219 -19.61 6.74 20.34
N GLY A 220 -20.09 5.50 20.42
CA GLY A 220 -19.41 4.51 21.24
C GLY A 220 -18.03 4.16 20.69
N MET A 221 -17.87 4.14 19.38
CA MET A 221 -16.55 3.88 18.82
C MET A 221 -15.60 5.05 19.09
N VAL A 222 -16.11 6.27 18.98
CA VAL A 222 -15.27 7.43 19.28
C VAL A 222 -14.91 7.46 20.76
N ALA A 223 -15.83 7.03 21.63
CA ALA A 223 -15.58 7.06 23.06
C ALA A 223 -14.57 6.01 23.47
N ALA A 224 -14.63 4.82 22.84
CA ALA A 224 -13.62 3.79 23.11
C ALA A 224 -12.21 4.32 22.84
N TRP A 225 -12.06 5.08 21.75
CA TRP A 225 -10.77 5.64 21.39
C TRP A 225 -10.33 6.70 22.39
N SER A 226 -11.24 7.62 22.72
CA SER A 226 -10.92 8.66 23.69
C SER A 226 -10.54 8.05 25.04
N GLN A 227 -11.31 7.05 25.50
CA GLN A 227 -10.96 6.37 26.76
C GLN A 227 -9.62 5.63 26.64
N ARG A 228 -9.37 4.95 25.50
CA ARG A 228 -8.11 4.24 25.39
C ARG A 228 -6.91 5.18 25.53
N LEU A 229 -7.04 6.42 25.03
CA LEU A 229 -5.93 7.37 25.09
C LEU A 229 -5.63 7.87 26.50
N GLN A 230 -6.52 7.64 27.47
CA GLN A 230 -6.23 7.99 28.86
C GLN A 230 -5.05 7.19 29.39
N THR A 231 -4.92 5.94 28.96
CA THR A 231 -3.97 5.00 29.55
C THR A 231 -2.98 4.47 28.51
N ILE A 232 -2.76 5.22 27.42
CA ILE A 232 -1.96 4.72 26.31
C ILE A 232 -0.55 4.36 26.76
N TRP A 233 -0.01 5.09 27.74
CA TRP A 233 1.36 4.86 28.20
C TRP A 233 1.50 3.67 29.14
N LYS A 234 0.39 3.08 29.59
CA LYS A 234 0.45 1.87 30.38
C LYS A 234 0.44 0.61 29.52
N GLU A 235 0.12 0.71 28.24
CA GLU A 235 -0.10 -0.48 27.42
C GLU A 235 1.18 -1.26 27.21
N GLU A 236 1.07 -2.58 27.16
CA GLU A 236 2.24 -3.28 26.66
C GLU A 236 2.10 -3.56 25.16
N PRO A 237 3.19 -3.49 24.39
CA PRO A 237 3.10 -3.80 22.95
C PRO A 237 2.68 -5.24 22.70
N ILE A 238 2.15 -5.46 21.50
CA ILE A 238 1.79 -6.81 21.05
C ILE A 238 3.06 -7.60 20.74
N PRO A 239 3.03 -8.93 20.85
CA PRO A 239 4.10 -9.72 20.23
C PRO A 239 3.87 -9.72 18.74
N CYS A 240 4.68 -8.95 18.00
CA CYS A 240 4.45 -8.75 16.56
C CYS A 240 5.07 -9.92 15.79
N THR A 241 4.40 -11.07 15.84
CA THR A 241 4.91 -12.29 15.23
C THR A 241 3.92 -12.78 14.18
N ALA A 242 4.36 -13.78 13.41
CA ALA A 242 3.44 -14.43 12.48
C ALA A 242 2.33 -15.16 13.23
N HIS A 243 2.62 -15.71 14.41
CA HIS A 243 1.59 -16.44 15.16
C HIS A 243 0.50 -15.49 15.67
N TRP A 244 0.89 -14.29 16.16
CA TRP A 244 -0.12 -13.29 16.52
C TRP A 244 -1.01 -12.94 15.34
N HIS A 245 -0.43 -12.86 14.15
CA HIS A 245 -1.17 -12.37 12.99
C HIS A 245 -2.02 -13.47 12.35
N PHE A 246 -1.51 -14.72 12.28
CA PHE A 246 -2.19 -15.78 11.54
C PHE A 246 -2.58 -16.98 12.38
N GLY A 247 -1.87 -17.29 13.46
CA GLY A 247 -2.27 -18.36 14.36
C GLY A 247 -3.49 -17.97 15.20
N ALA B 19 -6.38 -15.30 -30.87
CA ALA B 19 -7.10 -14.27 -31.63
C ALA B 19 -7.30 -13.00 -30.82
N GLY B 20 -6.34 -12.09 -30.89
CA GLY B 20 -6.49 -10.77 -30.27
C GLY B 20 -6.55 -10.78 -28.76
N LYS B 21 -5.67 -11.54 -28.09
CA LYS B 21 -5.48 -11.36 -26.65
C LYS B 21 -4.84 -10.01 -26.36
N LYS B 22 -5.44 -9.26 -25.46
CA LYS B 22 -4.96 -7.94 -25.07
C LYS B 22 -4.38 -8.01 -23.67
N VAL B 23 -3.16 -7.49 -23.50
CA VAL B 23 -2.46 -7.49 -22.22
C VAL B 23 -2.15 -6.06 -21.85
N LEU B 24 -2.46 -5.68 -20.60
CA LEU B 24 -2.04 -4.42 -20.01
C LEU B 24 -0.97 -4.73 -18.97
N ILE B 25 0.19 -4.09 -19.10
CA ILE B 25 1.24 -4.14 -18.09
C ILE B 25 1.21 -2.81 -17.32
N VAL B 26 0.91 -2.86 -16.03
CA VAL B 26 1.04 -1.68 -15.16
C VAL B 26 2.39 -1.75 -14.46
N TYR B 27 3.25 -0.78 -14.76
CA TYR B 27 4.68 -0.87 -14.49
C TYR B 27 5.10 0.26 -13.55
N ALA B 28 5.73 -0.09 -12.42
CA ALA B 28 6.07 0.88 -11.36
C ALA B 28 7.57 0.82 -11.03
N HIS B 29 8.41 1.38 -11.90
CA HIS B 29 9.82 1.54 -11.59
C HIS B 29 10.38 2.78 -12.25
N GLN B 30 11.28 3.47 -11.53
CA GLN B 30 11.85 4.73 -11.97
C GLN B 30 12.88 4.56 -13.08
N GLU B 31 13.57 3.43 -13.11
CA GLU B 31 14.77 3.29 -13.94
C GLU B 31 14.60 2.25 -15.02
N PRO B 32 14.59 2.63 -16.31
CA PRO B 32 14.38 1.63 -17.37
C PRO B 32 15.47 0.57 -17.45
N LYS B 33 16.67 0.80 -16.93
CA LYS B 33 17.70 -0.23 -16.97
C LYS B 33 17.65 -1.15 -15.77
N SER B 34 16.68 -0.97 -14.88
CA SER B 34 16.53 -1.77 -13.68
C SER B 34 16.13 -3.21 -13.99
N PHE B 35 16.14 -4.05 -12.95
CA PHE B 35 15.69 -5.43 -13.13
C PHE B 35 14.20 -5.47 -13.49
N ASN B 36 13.40 -4.58 -12.87
CA ASN B 36 11.99 -4.48 -13.24
C ASN B 36 11.83 -4.04 -14.69
N GLY B 37 12.65 -3.08 -15.12
CA GLY B 37 12.63 -2.69 -16.53
C GLY B 37 12.90 -3.85 -17.46
N SER B 38 13.89 -4.69 -17.14
CA SER B 38 14.14 -5.85 -18.00
C SER B 38 12.99 -6.83 -17.97
N LEU B 39 12.38 -7.03 -16.80
CA LEU B 39 11.24 -7.93 -16.73
C LEU B 39 10.06 -7.37 -17.53
N LYS B 40 9.87 -6.05 -17.48
CA LYS B 40 8.84 -5.40 -18.27
C LYS B 40 9.13 -5.55 -19.77
N ASN B 41 10.36 -5.26 -20.20
CA ASN B 41 10.66 -5.35 -21.63
C ASN B 41 10.51 -6.77 -22.14
N VAL B 42 10.95 -7.75 -21.35
CA VAL B 42 10.84 -9.14 -21.76
C VAL B 42 9.37 -9.52 -21.94
N ALA B 43 8.49 -9.02 -21.07
CA ALA B 43 7.07 -9.29 -21.24
C ALA B 43 6.53 -8.65 -22.51
N VAL B 44 6.92 -7.40 -22.79
CA VAL B 44 6.49 -6.73 -24.00
C VAL B 44 6.99 -7.50 -25.23
N ASP B 45 8.27 -7.85 -25.22
CA ASP B 45 8.87 -8.56 -26.36
C ASP B 45 8.19 -9.91 -26.60
N GLU B 46 7.99 -10.67 -25.53
CA GLU B 46 7.53 -12.05 -25.66
C GLU B 46 6.05 -12.10 -26.02
N LEU B 47 5.23 -11.25 -25.39
CA LEU B 47 3.81 -11.25 -25.72
C LEU B 47 3.58 -10.70 -27.12
N SER B 48 4.38 -9.70 -27.53
CA SER B 48 4.19 -9.15 -28.87
C SER B 48 4.66 -10.13 -29.93
N ARG B 49 5.81 -10.78 -29.71
CA ARG B 49 6.24 -11.87 -30.58
C ARG B 49 5.16 -12.93 -30.74
N GLN B 50 4.38 -13.17 -29.69
CA GLN B 50 3.27 -14.12 -29.77
C GLN B 50 2.08 -13.61 -30.56
N GLY B 51 2.09 -12.35 -31.02
CA GLY B 51 0.93 -11.78 -31.67
C GLY B 51 -0.08 -11.15 -30.74
N CYS B 52 0.18 -11.11 -29.43
CA CYS B 52 -0.74 -10.48 -28.50
C CYS B 52 -0.70 -8.97 -28.65
N THR B 53 -1.80 -8.32 -28.30
CA THR B 53 -1.84 -6.86 -28.22
C THR B 53 -1.40 -6.41 -26.82
N VAL B 54 -0.42 -5.50 -26.76
CA VAL B 54 0.28 -5.14 -25.52
C VAL B 54 0.20 -3.62 -25.28
N THR B 55 -0.09 -3.23 -24.03
CA THR B 55 -0.08 -1.84 -23.58
C THR B 55 0.64 -1.76 -22.25
N VAL B 56 1.48 -0.73 -22.08
CA VAL B 56 2.19 -0.50 -20.83
C VAL B 56 1.76 0.84 -20.23
N SER B 57 1.34 0.80 -18.97
CA SER B 57 1.15 2.01 -18.18
C SER B 57 2.42 2.18 -17.37
N ASP B 58 3.32 3.04 -17.85
CA ASP B 58 4.57 3.37 -17.17
C ASP B 58 4.32 4.47 -16.15
N LEU B 59 3.94 4.08 -14.93
CA LEU B 59 3.37 5.04 -13.98
C LEU B 59 4.33 6.21 -13.71
N TYR B 60 5.62 5.93 -13.48
CA TYR B 60 6.53 7.02 -13.16
C TYR B 60 6.70 7.94 -14.34
N ALA B 61 6.88 7.39 -15.56
CA ALA B 61 7.03 8.22 -16.75
C ALA B 61 5.79 9.08 -17.00
N MET B 62 4.61 8.60 -16.60
CA MET B 62 3.38 9.38 -16.75
C MET B 62 3.21 10.42 -15.65
N ASN B 63 4.08 10.44 -14.64
CA ASN B 63 3.88 11.23 -13.43
C ASN B 63 2.48 10.97 -12.87
N PHE B 64 2.11 9.68 -12.82
CA PHE B 64 0.74 9.30 -12.47
C PHE B 64 0.37 9.81 -11.08
N GLU B 65 -0.82 10.41 -11.00
CA GLU B 65 -1.26 11.04 -9.77
C GLU B 65 -1.71 9.98 -8.78
N PRO B 66 -1.09 9.89 -7.59
CA PRO B 66 -1.45 8.79 -6.69
C PRO B 66 -2.52 9.17 -5.68
N ARG B 67 -2.75 10.47 -5.43
CA ARG B 67 -3.60 10.88 -4.32
C ARG B 67 -5.08 10.87 -4.71
N ALA B 68 -5.92 10.32 -3.84
CA ALA B 68 -7.37 10.34 -3.98
C ALA B 68 -7.91 11.67 -3.44
N THR B 69 -8.23 12.63 -4.34
CA THR B 69 -8.69 13.97 -3.94
C THR B 69 -9.94 14.37 -4.72
N ASP B 70 -10.50 15.53 -4.34
CA ASP B 70 -11.68 16.05 -5.01
C ASP B 70 -11.40 16.53 -6.43
N LYS B 71 -10.12 16.64 -6.80
CA LYS B 71 -9.75 16.91 -8.19
C LYS B 71 -10.17 15.79 -9.13
N ASP B 72 -10.50 14.61 -8.59
CA ASP B 72 -10.80 13.45 -9.44
C ASP B 72 -12.20 13.49 -10.00
N ILE B 73 -13.04 14.39 -9.50
CA ILE B 73 -14.39 14.62 -10.02
C ILE B 73 -14.42 16.02 -10.62
N THR B 74 -14.77 16.10 -11.88
CA THR B 74 -15.26 17.34 -12.46
C THR B 74 -16.78 17.29 -12.36
N GLY B 75 -17.42 18.43 -12.49
CA GLY B 75 -18.85 18.43 -12.38
C GLY B 75 -19.34 18.50 -10.93
N THR B 76 -20.64 18.68 -10.80
CA THR B 76 -21.24 19.06 -9.53
C THR B 76 -21.17 17.93 -8.52
N LEU B 77 -20.71 18.25 -7.31
CA LEU B 77 -20.53 17.24 -6.28
C LEU B 77 -21.88 16.85 -5.66
N SER B 78 -22.06 15.55 -5.42
CA SER B 78 -23.27 15.10 -4.73
C SER B 78 -23.44 15.74 -3.34
N ASN B 79 -22.38 16.29 -2.76
CA ASN B 79 -22.40 16.98 -1.47
C ASN B 79 -21.14 17.81 -1.33
N PRO B 80 -21.16 19.09 -1.70
CA PRO B 80 -19.93 19.88 -1.70
C PRO B 80 -19.53 20.44 -0.34
N GLU B 81 -20.33 20.23 0.71
CA GLU B 81 -19.95 20.69 2.04
C GLU B 81 -19.16 19.65 2.83
N VAL B 82 -19.42 18.37 2.60
CA VAL B 82 -18.72 17.27 3.25
C VAL B 82 -18.30 16.29 2.15
N PHE B 83 -17.00 16.18 1.91
CA PHE B 83 -16.49 15.45 0.76
C PHE B 83 -16.25 13.99 1.12
N ASN B 84 -16.94 13.10 0.41
CA ASN B 84 -16.82 11.66 0.59
C ASN B 84 -16.26 11.07 -0.71
N TYR B 85 -14.96 10.72 -0.71
CA TYR B 85 -14.31 10.31 -1.96
C TYR B 85 -15.01 9.12 -2.60
N GLY B 86 -15.34 8.10 -1.80
CA GLY B 86 -15.95 6.90 -2.38
C GLY B 86 -17.32 7.15 -2.99
N VAL B 87 -18.13 8.01 -2.35
CA VAL B 87 -19.44 8.33 -2.89
C VAL B 87 -19.29 9.18 -4.16
N GLU B 88 -18.44 10.21 -4.11
CA GLU B 88 -18.37 11.16 -5.24
C GLU B 88 -17.81 10.51 -6.50
N THR B 89 -16.78 9.65 -6.36
CA THR B 89 -16.25 9.01 -7.55
C THR B 89 -17.18 7.93 -8.09
N HIS B 90 -17.98 7.27 -7.23
CA HIS B 90 -19.01 6.38 -7.74
C HIS B 90 -20.01 7.15 -8.59
N GLU B 91 -20.53 8.25 -8.06
CA GLU B 91 -21.45 9.10 -8.83
C GLU B 91 -20.79 9.61 -10.10
N ALA B 92 -19.57 10.14 -9.99
CA ALA B 92 -18.88 10.67 -11.16
C ALA B 92 -18.67 9.62 -12.22
N TYR B 93 -18.44 8.36 -11.82
CA TYR B 93 -18.26 7.30 -12.81
C TYR B 93 -19.53 7.10 -13.64
N LYS B 94 -20.69 7.05 -12.98
CA LYS B 94 -21.95 6.87 -13.70
C LYS B 94 -22.29 8.10 -14.52
N GLN B 95 -21.92 9.28 -14.05
CA GLN B 95 -22.16 10.54 -14.74
C GLN B 95 -21.09 10.85 -15.79
N ARG B 96 -20.03 10.05 -15.87
CA ARG B 96 -18.88 10.29 -16.75
C ARG B 96 -18.28 11.68 -16.51
N SER B 97 -18.05 11.99 -15.24
CA SER B 97 -17.34 13.22 -14.88
C SER B 97 -16.09 12.93 -14.06
N LEU B 98 -15.51 11.73 -14.19
CA LEU B 98 -14.23 11.45 -13.56
C LEU B 98 -13.10 12.13 -14.33
N ALA B 99 -11.99 12.40 -13.62
CA ALA B 99 -10.80 12.92 -14.30
C ALA B 99 -10.38 11.95 -15.39
N SER B 100 -9.85 12.50 -16.49
CA SER B 100 -9.58 11.70 -17.68
C SER B 100 -8.42 10.72 -17.48
N ASP B 101 -7.42 11.07 -16.67
CA ASP B 101 -6.34 10.12 -16.40
C ASP B 101 -6.90 8.83 -15.79
N ILE B 102 -7.96 8.94 -14.98
CA ILE B 102 -8.64 7.77 -14.43
C ILE B 102 -9.35 6.98 -15.52
N THR B 103 -10.12 7.68 -16.37
CA THR B 103 -10.88 6.94 -17.38
C THR B 103 -9.96 6.38 -18.46
N ASP B 104 -8.80 7.03 -18.71
CA ASP B 104 -7.83 6.45 -19.64
C ASP B 104 -7.33 5.09 -19.16
N GLU B 105 -7.12 4.96 -17.85
CA GLU B 105 -6.68 3.67 -17.31
C GLU B 105 -7.81 2.65 -17.32
N GLN B 106 -9.02 3.07 -16.94
CA GLN B 106 -10.17 2.18 -17.01
C GLN B 106 -10.37 1.66 -18.43
N LYS B 107 -10.08 2.49 -19.45
CA LYS B 107 -10.20 2.02 -20.84
C LYS B 107 -9.24 0.88 -21.11
N LYS B 108 -7.96 1.05 -20.70
CA LYS B 108 -6.96 -0.01 -20.91
C LYS B 108 -7.33 -1.28 -20.17
N VAL B 109 -7.90 -1.15 -18.96
CA VAL B 109 -8.25 -2.32 -18.15
C VAL B 109 -9.44 -3.04 -18.75
N ARG B 110 -10.47 -2.29 -19.17
CA ARG B 110 -11.68 -2.93 -19.67
C ARG B 110 -11.37 -3.75 -20.91
N GLU B 111 -10.46 -3.27 -21.75
CA GLU B 111 -10.07 -3.98 -22.97
C GLU B 111 -9.19 -5.20 -22.66
N ALA B 112 -8.44 -5.15 -21.58
CA ALA B 112 -7.43 -6.17 -21.32
C ALA B 112 -8.06 -7.52 -21.02
N ASP B 113 -7.42 -8.58 -21.49
CA ASP B 113 -7.74 -9.93 -21.05
C ASP B 113 -6.88 -10.36 -19.86
N LEU B 114 -5.66 -9.84 -19.78
CA LEU B 114 -4.72 -10.07 -18.69
C LEU B 114 -4.11 -8.73 -18.30
N VAL B 115 -4.07 -8.45 -17.00
CA VAL B 115 -3.34 -7.30 -16.45
C VAL B 115 -2.17 -7.85 -15.64
N ILE B 116 -0.97 -7.38 -15.98
CA ILE B 116 0.25 -7.74 -15.27
C ILE B 116 0.69 -6.53 -14.46
N PHE B 117 0.97 -6.75 -13.18
CA PHE B 117 1.58 -5.71 -12.36
C PHE B 117 3.05 -6.04 -12.18
N GLN B 118 3.92 -5.10 -12.55
CA GLN B 118 5.38 -5.26 -12.50
C GLN B 118 5.95 -4.20 -11.59
N PHE B 119 6.48 -4.62 -10.43
CA PHE B 119 6.87 -3.63 -9.44
C PHE B 119 7.85 -4.28 -8.46
N PRO B 120 8.75 -3.48 -7.87
CA PRO B 120 9.49 -3.95 -6.68
C PRO B 120 8.62 -3.86 -5.43
N LEU B 121 8.78 -4.85 -4.55
CA LEU B 121 8.11 -4.79 -3.25
C LEU B 121 8.61 -3.57 -2.47
N TYR B 122 7.67 -2.74 -2.02
CA TYR B 122 7.95 -1.61 -1.13
C TYR B 122 7.15 -1.85 0.14
N TRP B 123 7.82 -2.13 1.24
CA TRP B 123 7.17 -2.27 2.55
C TRP B 123 6.04 -3.30 2.48
N PHE B 124 6.41 -4.49 2.02
CA PHE B 124 5.49 -5.64 1.92
C PHE B 124 4.30 -5.35 1.02
N SER B 125 4.43 -4.41 0.09
CA SER B 125 3.28 -3.96 -0.70
C SER B 125 3.77 -3.38 -2.03
N VAL B 126 2.88 -2.68 -2.73
CA VAL B 126 3.23 -2.03 -3.99
C VAL B 126 3.80 -0.64 -3.71
N PRO B 127 4.66 -0.10 -4.58
CA PRO B 127 5.03 1.32 -4.46
C PRO B 127 3.80 2.21 -4.44
N ALA B 128 3.92 3.32 -3.69
CA ALA B 128 2.80 4.23 -3.51
C ALA B 128 2.21 4.73 -4.82
N ILE B 129 3.02 4.88 -5.87
CA ILE B 129 2.43 5.35 -7.14
C ILE B 129 1.52 4.28 -7.72
N LEU B 130 1.82 3.00 -7.46
CA LEU B 130 0.96 1.93 -7.92
C LEU B 130 -0.23 1.75 -6.99
N LYS B 131 -0.04 1.94 -5.67
CA LYS B 131 -1.19 1.98 -4.78
C LYS B 131 -2.21 3.02 -5.24
N GLY B 132 -1.73 4.18 -5.70
CA GLY B 132 -2.65 5.23 -6.13
C GLY B 132 -3.43 4.82 -7.36
N TRP B 133 -2.78 4.12 -8.28
CA TRP B 133 -3.49 3.55 -9.42
C TRP B 133 -4.65 2.67 -8.95
N MET B 134 -4.39 1.77 -8.00
CA MET B 134 -5.47 0.93 -7.46
C MET B 134 -6.55 1.77 -6.79
N ASP B 135 -6.15 2.70 -5.92
CA ASP B 135 -7.10 3.53 -5.20
C ASP B 135 -8.06 4.25 -6.15
N ARG B 136 -7.53 4.81 -7.24
CA ARG B 136 -8.25 5.76 -8.07
C ARG B 136 -8.87 5.16 -9.32
N VAL B 137 -8.29 4.09 -9.86
CA VAL B 137 -8.81 3.48 -11.09
C VAL B 137 -9.92 2.48 -10.79
N LEU B 138 -9.80 1.73 -9.70
CA LEU B 138 -10.75 0.66 -9.40
C LEU B 138 -11.94 1.17 -8.58
N CYS B 139 -12.66 2.14 -9.13
CA CYS B 139 -13.75 2.79 -8.39
C CYS B 139 -15.03 1.95 -8.47
N GLN B 140 -16.00 2.30 -7.63
CA GLN B 140 -17.27 1.60 -7.66
C GLN B 140 -18.05 1.96 -8.91
N GLY B 141 -18.70 0.97 -9.49
CA GLY B 141 -19.35 1.17 -10.78
C GLY B 141 -18.51 0.59 -11.90
N PHE B 142 -17.18 0.74 -11.78
CA PHE B 142 -16.23 0.19 -12.76
C PHE B 142 -15.71 -1.17 -12.35
N ALA B 143 -15.07 -1.26 -11.19
CA ALA B 143 -14.38 -2.49 -10.81
C ALA B 143 -15.21 -3.40 -9.93
N PHE B 144 -16.17 -2.85 -9.19
CA PHE B 144 -17.06 -3.64 -8.34
C PHE B 144 -18.36 -2.87 -8.16
N ASP B 145 -19.37 -3.55 -7.62
CA ASP B 145 -20.58 -2.86 -7.18
C ASP B 145 -21.14 -3.58 -5.96
N ILE B 146 -22.25 -3.07 -5.43
CA ILE B 146 -22.92 -3.61 -4.25
C ILE B 146 -24.37 -3.94 -4.61
N PRO B 147 -24.69 -5.22 -4.86
CA PRO B 147 -23.77 -6.36 -4.84
C PRO B 147 -22.93 -6.42 -6.12
N GLY B 148 -22.06 -7.41 -6.23
CA GLY B 148 -21.14 -7.48 -7.35
C GLY B 148 -19.69 -7.35 -6.92
N PHE B 149 -19.21 -8.27 -6.08
CA PHE B 149 -17.81 -8.24 -5.67
C PHE B 149 -17.35 -9.67 -5.43
N TYR B 150 -16.04 -9.80 -5.16
CA TYR B 150 -15.36 -11.08 -5.17
C TYR B 150 -15.71 -11.82 -6.46
N ASP B 151 -16.40 -12.95 -6.38
CA ASP B 151 -16.60 -13.74 -7.59
C ASP B 151 -17.55 -13.06 -8.57
N SER B 152 -18.40 -12.15 -8.08
CA SER B 152 -19.27 -11.37 -8.94
CA SER B 152 -19.28 -11.36 -8.92
C SER B 152 -18.73 -9.96 -9.19
N GLY B 153 -17.43 -9.75 -8.94
CA GLY B 153 -16.82 -8.47 -9.27
C GLY B 153 -16.97 -8.14 -10.74
N LEU B 154 -16.90 -6.84 -11.05
CA LEU B 154 -17.21 -6.39 -12.40
C LEU B 154 -16.07 -6.64 -13.37
N LEU B 155 -14.88 -6.95 -12.89
CA LEU B 155 -13.82 -7.34 -13.80
C LEU B 155 -13.73 -8.86 -13.93
N GLN B 156 -14.81 -9.57 -13.61
CA GLN B 156 -14.82 -11.02 -13.82
C GLN B 156 -14.64 -11.33 -15.29
N GLY B 157 -14.04 -12.47 -15.56
CA GLY B 157 -13.61 -12.83 -16.89
C GLY B 157 -12.20 -12.40 -17.24
N LYS B 158 -11.56 -11.59 -16.40
CA LYS B 158 -10.22 -11.10 -16.69
C LYS B 158 -9.20 -11.77 -15.78
N LEU B 159 -7.98 -11.88 -16.28
CA LEU B 159 -6.87 -12.41 -15.50
C LEU B 159 -6.01 -11.28 -14.95
N ALA B 160 -5.41 -11.52 -13.78
CA ALA B 160 -4.43 -10.61 -13.20
C ALA B 160 -3.25 -11.43 -12.67
N LEU B 161 -2.09 -10.79 -12.65
CA LEU B 161 -0.82 -11.46 -12.34
C LEU B 161 0.11 -10.45 -11.69
N LEU B 162 0.64 -10.78 -10.51
CA LEU B 162 1.62 -9.93 -9.85
C LEU B 162 3.02 -10.46 -10.18
N SER B 163 3.86 -9.61 -10.78
CA SER B 163 5.27 -9.92 -11.02
C SER B 163 6.09 -8.98 -10.12
N VAL B 164 6.58 -9.50 -9.00
CA VAL B 164 7.19 -8.68 -7.96
C VAL B 164 8.65 -9.10 -7.80
N THR B 165 9.53 -8.11 -7.60
CA THR B 165 10.92 -8.32 -7.20
C THR B 165 11.07 -7.89 -5.75
N THR B 166 11.95 -8.57 -5.01
CA THR B 166 12.12 -8.29 -3.58
C THR B 166 13.57 -8.03 -3.23
N GLY B 167 13.77 -7.34 -2.11
CA GLY B 167 15.10 -7.22 -1.56
C GLY B 167 15.53 -8.50 -0.86
N GLY B 168 14.59 -9.17 -0.18
CA GLY B 168 14.94 -10.34 0.60
C GLY B 168 15.00 -11.61 -0.25
N THR B 169 15.76 -12.58 0.24
CA THR B 169 15.89 -13.84 -0.48
C THR B 169 14.64 -14.69 -0.29
N ALA B 170 14.52 -15.72 -1.14
CA ALA B 170 13.44 -16.70 -1.00
C ALA B 170 13.44 -17.34 0.39
N GLU B 171 14.62 -17.72 0.89
CA GLU B 171 14.68 -18.38 2.19
C GLU B 171 14.19 -17.45 3.31
N MET B 172 14.43 -16.14 3.19
CA MET B 172 13.91 -15.22 4.20
C MET B 172 12.39 -15.14 4.16
N TYR B 173 11.79 -15.38 3.01
CA TYR B 173 10.34 -15.35 2.87
C TYR B 173 9.74 -16.76 2.94
N THR B 174 10.05 -17.44 4.04
CA THR B 174 9.43 -18.72 4.37
C THR B 174 8.75 -18.61 5.73
N LYS B 175 7.79 -19.51 5.95
CA LYS B 175 7.01 -19.57 7.17
C LYS B 175 7.88 -19.36 8.42
N THR B 176 9.08 -19.95 8.41
CA THR B 176 10.00 -19.90 9.54
C THR B 176 11.08 -18.82 9.40
N GLY B 177 11.33 -18.30 8.19
CA GLY B 177 12.19 -17.15 8.03
C GLY B 177 11.65 -15.94 8.77
N VAL B 178 12.46 -14.88 8.83
CA VAL B 178 12.08 -13.72 9.66
C VAL B 178 10.94 -12.94 9.02
N ASN B 179 10.84 -12.97 7.69
CA ASN B 179 9.83 -12.18 6.99
C ASN B 179 8.49 -12.88 6.87
N GLY B 180 8.37 -14.11 7.37
CA GLY B 180 7.18 -14.89 7.10
C GLY B 180 7.13 -15.36 5.65
N ASP B 181 6.12 -16.17 5.35
CA ASP B 181 6.02 -16.72 4.00
C ASP B 181 5.66 -15.61 3.00
N SER B 182 6.21 -15.73 1.79
CA SER B 182 5.95 -14.75 0.75
C SER B 182 4.46 -14.57 0.49
N ARG B 183 3.67 -15.65 0.60
CA ARG B 183 2.25 -15.52 0.30
C ARG B 183 1.52 -14.61 1.31
N TYR B 184 2.06 -14.44 2.52
CA TYR B 184 1.39 -13.58 3.49
C TYR B 184 1.26 -12.14 2.98
N PHE B 185 2.27 -11.63 2.27
CA PHE B 185 2.16 -10.25 1.82
C PHE B 185 1.40 -10.12 0.50
N LEU B 186 1.03 -11.23 -0.14
CA LEU B 186 0.17 -11.16 -1.33
C LEU B 186 -1.31 -11.00 -0.99
N TRP B 187 -1.73 -11.34 0.24
CA TRP B 187 -3.14 -11.32 0.63
C TRP B 187 -3.84 -10.00 0.28
N PRO B 188 -3.37 -8.84 0.74
CA PRO B 188 -4.11 -7.59 0.45
C PRO B 188 -4.25 -7.32 -1.03
N LEU B 189 -3.24 -7.67 -1.83
CA LEU B 189 -3.26 -7.38 -3.26
C LEU B 189 -4.10 -8.40 -4.03
N GLN B 190 -3.80 -9.70 -3.87
CA GLN B 190 -4.51 -10.71 -4.65
C GLN B 190 -5.96 -10.84 -4.20
N HIS B 191 -6.22 -10.87 -2.90
CA HIS B 191 -7.57 -11.13 -2.41
C HIS B 191 -8.33 -9.84 -2.10
N GLY B 192 -7.74 -8.96 -1.30
CA GLY B 192 -8.43 -7.73 -0.95
C GLY B 192 -8.72 -6.84 -2.13
N THR B 193 -7.91 -6.92 -3.20
CA THR B 193 -8.04 -6.02 -4.34
C THR B 193 -8.50 -6.77 -5.60
N LEU B 194 -7.65 -7.61 -6.18
CA LEU B 194 -7.94 -8.19 -7.50
C LEU B 194 -9.13 -9.15 -7.44
N HIS B 195 -9.11 -10.12 -6.52
CA HIS B 195 -10.26 -11.01 -6.35
C HIS B 195 -11.52 -10.23 -6.06
N PHE B 196 -11.41 -9.20 -5.21
CA PHE B 196 -12.60 -8.43 -4.83
C PHE B 196 -13.25 -7.82 -6.06
N CYS B 197 -12.42 -7.43 -7.03
CA CYS B 197 -12.84 -6.82 -8.27
C CYS B 197 -13.28 -7.85 -9.31
N GLY B 198 -13.21 -9.14 -8.98
CA GLY B 198 -13.64 -10.18 -9.89
C GLY B 198 -12.54 -10.81 -10.73
N PHE B 199 -11.30 -10.35 -10.63
CA PHE B 199 -10.21 -10.99 -11.34
C PHE B 199 -10.05 -12.44 -10.90
N LYS B 200 -9.67 -13.30 -11.82
CA LYS B 200 -9.03 -14.54 -11.46
C LYS B 200 -7.54 -14.25 -11.41
N VAL B 201 -6.86 -14.80 -10.39
CA VAL B 201 -5.47 -14.48 -10.13
C VAL B 201 -4.60 -15.66 -10.57
N LEU B 202 -3.69 -15.42 -11.50
CA LEU B 202 -2.67 -16.39 -11.82
C LEU B 202 -1.60 -16.35 -10.72
N ALA B 203 -0.81 -17.41 -10.64
CA ALA B 203 0.16 -17.51 -9.55
C ALA B 203 1.23 -16.42 -9.69
N PRO B 204 1.68 -15.85 -8.58
CA PRO B 204 2.60 -14.71 -8.67
C PRO B 204 3.94 -15.11 -9.26
N GLN B 205 4.57 -14.16 -9.95
CA GLN B 205 5.96 -14.30 -10.37
C GLN B 205 6.83 -13.49 -9.40
N ILE B 206 7.52 -14.16 -8.48
CA ILE B 206 8.39 -13.48 -7.53
C ILE B 206 9.84 -13.72 -7.92
N SER B 207 10.56 -12.65 -8.19
CA SER B 207 11.98 -12.70 -8.51
C SER B 207 12.74 -12.21 -7.28
N PHE B 208 13.15 -13.16 -6.45
CA PHE B 208 13.71 -12.85 -5.15
C PHE B 208 15.09 -12.25 -5.28
N ALA B 209 15.29 -11.09 -4.62
CA ALA B 209 16.62 -10.54 -4.34
C ALA B 209 17.56 -10.44 -5.54
N PRO B 210 17.13 -9.82 -6.65
CA PRO B 210 18.06 -9.67 -7.78
C PRO B 210 19.32 -8.89 -7.45
N GLU B 211 19.26 -7.99 -6.45
CA GLU B 211 20.41 -7.13 -6.12
C GLU B 211 21.61 -7.95 -5.68
N ILE B 212 21.38 -9.03 -4.93
CA ILE B 212 22.48 -9.86 -4.44
C ILE B 212 22.62 -11.16 -5.24
N ALA B 213 21.68 -11.46 -6.13
CA ALA B 213 21.86 -12.60 -7.02
C ALA B 213 23.09 -12.41 -7.90
N SER B 214 23.70 -13.53 -8.28
CA SER B 214 24.80 -13.53 -9.24
C SER B 214 24.29 -13.25 -10.64
N GLU B 215 25.21 -12.89 -11.54
CA GLU B 215 24.85 -12.60 -12.92
C GLU B 215 24.12 -13.79 -13.55
N GLU B 216 24.63 -15.02 -13.31
CA GLU B 216 23.96 -16.23 -13.79
C GLU B 216 22.53 -16.30 -13.25
N GLU B 217 22.36 -16.12 -11.94
CA GLU B 217 21.03 -16.27 -11.35
C GLU B 217 20.07 -15.19 -11.86
N ARG B 218 20.56 -13.96 -12.02
CA ARG B 218 19.72 -12.89 -12.57
C ARG B 218 19.23 -13.25 -13.97
N LYS B 219 20.13 -13.73 -14.83
CA LYS B 219 19.76 -14.14 -16.17
C LYS B 219 18.78 -15.31 -16.13
N GLY B 220 18.96 -16.21 -15.16
CA GLY B 220 18.02 -17.29 -14.99
C GLY B 220 16.64 -16.80 -14.60
N MET B 221 16.58 -15.88 -13.63
CA MET B 221 15.30 -15.30 -13.24
C MET B 221 14.60 -14.64 -14.41
N VAL B 222 15.37 -13.93 -15.24
CA VAL B 222 14.80 -13.28 -16.43
C VAL B 222 14.29 -14.32 -17.41
N ALA B 223 15.03 -15.42 -17.57
CA ALA B 223 14.64 -16.44 -18.54
C ALA B 223 13.39 -17.20 -18.10
N ALA B 224 13.27 -17.50 -16.79
CA ALA B 224 12.07 -18.19 -16.30
C ALA B 224 10.80 -17.38 -16.56
N TRP B 225 10.87 -16.06 -16.42
CA TRP B 225 9.72 -15.21 -16.71
C TRP B 225 9.36 -15.28 -18.19
N SER B 226 10.35 -15.10 -19.06
CA SER B 226 10.12 -15.21 -20.50
C SER B 226 9.53 -16.58 -20.86
N GLN B 227 10.12 -17.64 -20.32
CA GLN B 227 9.61 -18.97 -20.64
C GLN B 227 8.19 -19.18 -20.11
N ARG B 228 7.89 -18.64 -18.92
CA ARG B 228 6.53 -18.78 -18.42
C ARG B 228 5.53 -18.02 -19.28
N LEU B 229 5.94 -16.89 -19.87
CA LEU B 229 5.01 -16.11 -20.67
C LEU B 229 4.62 -16.86 -21.94
N GLN B 230 5.49 -17.75 -22.42
CA GLN B 230 5.18 -18.49 -23.64
C GLN B 230 3.93 -19.35 -23.48
N THR B 231 3.63 -19.76 -22.25
CA THR B 231 2.48 -20.63 -22.01
C THR B 231 1.46 -19.99 -21.08
N ILE B 232 1.43 -18.66 -21.00
CA ILE B 232 0.68 -17.97 -19.97
C ILE B 232 -0.82 -18.23 -20.12
N TRP B 233 -1.30 -18.36 -21.36
CA TRP B 233 -2.73 -18.49 -21.64
C TRP B 233 -3.26 -19.89 -21.37
N LYS B 234 -2.37 -20.85 -21.11
CA LYS B 234 -2.75 -22.20 -20.78
C LYS B 234 -2.89 -22.42 -19.29
N GLU B 235 -2.46 -21.45 -18.48
CA GLU B 235 -2.50 -21.59 -17.04
C GLU B 235 -3.91 -21.42 -16.50
N GLU B 236 -4.16 -22.03 -15.35
CA GLU B 236 -5.30 -21.96 -14.46
C GLU B 236 -5.02 -20.98 -13.34
N PRO B 237 -6.02 -20.24 -12.88
CA PRO B 237 -5.81 -19.33 -11.74
C PRO B 237 -5.65 -20.11 -10.44
N ILE B 238 -5.10 -19.44 -9.43
CA ILE B 238 -4.98 -20.01 -8.10
C ILE B 238 -6.37 -19.96 -7.46
N PRO B 239 -6.68 -20.80 -6.47
CA PRO B 239 -7.85 -20.54 -5.63
C PRO B 239 -7.47 -19.47 -4.63
N CYS B 240 -8.02 -18.27 -4.82
CA CYS B 240 -7.61 -17.09 -4.05
C CYS B 240 -8.35 -17.09 -2.70
N THR B 241 -7.86 -17.92 -1.79
CA THR B 241 -8.53 -18.13 -0.51
C THR B 241 -7.54 -17.92 0.63
N ALA B 242 -8.08 -17.84 1.85
CA ALA B 242 -7.22 -17.78 3.03
C ALA B 242 -6.34 -19.02 3.14
N HIS B 243 -6.86 -20.18 2.73
CA HIS B 243 -6.05 -21.41 2.81
C HIS B 243 -4.86 -21.38 1.85
N TRP B 244 -5.06 -20.85 0.64
CA TRP B 244 -3.93 -20.74 -0.28
C TRP B 244 -2.85 -19.83 0.31
N HIS B 245 -3.26 -18.72 0.91
CA HIS B 245 -2.31 -17.74 1.43
C HIS B 245 -1.69 -18.18 2.75
N PHE B 246 -2.48 -18.76 3.64
CA PHE B 246 -2.02 -18.97 5.00
C PHE B 246 -1.98 -20.44 5.44
N GLY B 247 -2.79 -21.32 4.85
CA GLY B 247 -2.95 -22.68 5.35
C GLY B 247 -1.83 -23.63 5.01
ZN ZN C . 6.49 -8.10 13.80
PA FAD D . -17.30 8.88 7.26
O1A FAD D . -18.25 8.70 6.15
O2A FAD D . -16.57 10.15 7.35
O5B FAD D . -17.96 8.57 8.72
C5B FAD D . -19.16 7.81 8.55
C4B FAD D . -20.48 8.47 9.01
O4B FAD D . -19.54 9.12 10.01
C3B FAD D . -21.10 9.85 8.79
O3B FAD D . -22.41 9.96 9.31
C2B FAD D . -20.10 10.78 9.42
O2B FAD D . -20.59 12.09 9.52
C1B FAD D . -20.25 10.07 10.83
N9A FAD D . -19.35 10.74 11.85
C8A FAD D . -18.27 11.52 11.71
N7A FAD D . -17.85 11.92 12.93
C5A FAD D . -18.68 11.43 13.84
C6A FAD D . -18.71 11.53 15.20
N6A FAD D . -17.78 12.25 15.82
N1A FAD D . -19.67 10.93 15.92
C2A FAD D . -20.64 10.19 15.25
N3A FAD D . -20.57 10.09 13.86
C4A FAD D . -19.61 10.72 13.17
N1 FAD D . -13.25 -0.73 3.18
C2 FAD D . -12.89 -2.01 3.58
O2 FAD D . -13.45 -2.55 4.52
N3 FAD D . -11.87 -2.68 2.90
C4 FAD D . -11.22 -2.06 1.82
O4 FAD D . -10.33 -2.69 1.25
C4X FAD D . -11.59 -0.78 1.43
N5 FAD D . -10.96 -0.14 0.35
C5X FAD D . -11.36 1.16 0.00
C6 FAD D . -10.73 1.81 -1.07
C7 FAD D . -11.12 3.09 -1.43
C7M FAD D . -10.50 3.74 -2.51
C8 FAD D . -12.14 3.73 -0.72
C8M FAD D . -12.54 5.03 -1.06
C9 FAD D . -12.77 3.08 0.35
C9A FAD D . -12.38 1.80 0.72
N10 FAD D . -12.98 1.16 1.77
C10 FAD D . -12.60 -0.09 2.12
C1' FAD D . -14.06 1.83 2.57
C2' FAD D . -13.39 2.79 3.61
O2' FAD D . -12.40 2.10 4.39
C3' FAD D . -14.43 3.49 4.53
O3' FAD D . -15.42 4.16 3.77
C4' FAD D . -13.75 4.46 5.56
O4' FAD D . -12.95 3.70 6.49
C5' FAD D . -14.84 5.14 6.34
O5' FAD D . -14.41 6.07 7.31
P FAD D . -14.64 7.63 6.97
O1P FAD D . -13.98 8.46 8.00
O2P FAD D . -14.41 7.96 5.51
O3P FAD D . -16.28 7.63 7.05
S SO4 E . -24.88 -0.27 15.30
O1 SO4 E . -25.98 -0.81 14.50
O2 SO4 E . -23.63 -0.94 14.92
O3 SO4 E . -24.77 1.15 15.00
O4 SO4 E . -25.13 -0.47 16.73
C V1Z F . -15.27 2.22 -1.88
C4 V1Z F . -14.57 0.92 -1.75
N2 V1Z F . -14.77 -0.09 -0.89
C5 V1Z F . -13.86 -1.06 -1.17
C7 V1Z F . -14.73 -2.71 0.47
C8 V1Z F . -14.72 -3.94 1.12
C3 V1Z F . -13.57 -6.28 1.37
C2 V1Z F . -13.19 1.44 -3.58
C9 V1Z F . -16.40 2.56 -0.94
C10 V1Z F . -14.85 3.06 -2.90
C11 V1Z F . -13.13 -0.62 -2.26
C12 V1Z F . -13.66 -4.91 0.74
C1 V1Z F . -13.81 2.67 -3.74
N1 V1Z F . -13.57 0.59 -2.60
C13 V1Z F . -12.71 -4.54 -0.21
C14 V1Z F . -12.78 -3.29 -0.84
C15 V1Z F . -17.86 -3.99 0.71
C16 V1Z F . -13.77 -2.38 -0.47
C17 V1Z F . -18.96 -4.71 -0.06
C19 V1Z F . -19.07 -6.45 1.59
C20 V1Z F . -17.93 -5.76 2.34
N18 V1Z F . -19.85 -5.43 0.87
N9 V1Z F . -17.06 -5.01 1.42
O1 V1Z F . -16.40 -3.01 2.69
O2 V1Z F . -15.44 -5.06 3.32
S1 V1Z F . -15.88 -4.27 2.21
ZN ZN G . -9.27 -14.27 -2.90
PA FAD H . 17.96 -3.45 -9.68
O1A FAD H . 18.97 -2.99 -8.72
O2A FAD H . 17.54 -2.55 -10.75
O5B FAD H . 18.51 -4.88 -10.30
C5B FAD H . 19.59 -5.47 -9.57
C4B FAD H . 20.91 -5.82 -10.32
O4B FAD H . 19.98 -5.89 -11.52
C3B FAD H . 21.85 -5.03 -11.23
O3B FAD H . 22.95 -5.84 -11.66
C2B FAD H . 21.02 -4.63 -12.39
O2B FAD H . 21.79 -4.01 -13.41
C1B FAD H . 20.73 -6.16 -12.72
N9A FAD H . 19.87 -6.25 -13.94
C8A FAD H . 18.98 -5.47 -14.56
N7A FAD H . 18.58 -6.12 -15.68
C5A FAD H . 19.23 -7.29 -15.77
C6A FAD H . 19.23 -8.29 -16.67
N6A FAD H . 18.42 -8.20 -17.72
N1A FAD H . 19.98 -9.38 -16.55
C2A FAD H . 20.82 -9.48 -15.44
N3A FAD H . 20.82 -8.41 -14.53
C4A FAD H . 20.04 -7.34 -14.71
N1 FAD H . 12.44 -5.45 -0.22
C2 FAD H . 11.81 -6.47 0.50
O2 FAD H . 12.17 -7.64 0.39
N3 FAD H . 10.75 -6.16 1.35
C4 FAD H . 10.34 -4.82 1.47
O4 FAD H . 9.40 -4.57 2.21
C4X FAD H . 10.98 -3.82 0.75
N5 FAD H . 10.58 -2.50 0.86
C5X FAD H . 11.23 -1.52 0.11
C6 FAD H . 10.83 -0.18 0.23
C7 FAD H . 11.47 0.81 -0.50
C7M FAD H . 11.01 2.12 -0.34
C8 FAD H . 12.55 0.47 -1.35
C8M FAD H . 13.25 1.42 -2.12
C9 FAD H . 12.94 -0.86 -1.44
C9A FAD H . 12.29 -1.87 -0.72
N10 FAD H . 12.67 -3.17 -0.81
C10 FAD H . 12.03 -4.13 -0.11
C1' FAD H . 13.77 -3.59 -1.73
C2' FAD H . 13.23 -3.71 -3.18
O2' FAD H . 12.08 -4.56 -3.25
C3' FAD H . 14.34 -4.19 -4.14
O3' FAD H . 15.45 -3.31 -4.06
C4' FAD H . 13.82 -4.29 -5.58
O4' FAD H . 12.82 -5.32 -5.61
C5' FAD H . 14.99 -4.71 -6.49
O5' FAD H . 14.72 -4.82 -7.92
P FAD H . 15.14 -3.57 -8.86
O1P FAD H . 14.66 -3.79 -10.25
O2P FAD H . 14.85 -2.26 -8.22
O3P FAD H . 16.74 -3.69 -8.70
C V1Z I . 15.40 0.01 0.87
C4 V1Z I . 14.49 -0.83 1.69
N2 V1Z I . 14.49 -2.16 1.96
C5 V1Z I . 13.42 -2.42 2.75
C7 V1Z I . 13.90 -4.83 3.05
C8 V1Z I . 13.64 -6.11 3.56
C3 V1Z I . 12.11 -7.55 5.13
C2 V1Z I . 13.21 1.07 2.21
C9 V1Z I . 16.58 -0.62 0.14
C10 V1Z I . 15.14 1.36 0.77
C11 V1Z I . 12.78 -1.21 2.99
C12 V1Z I . 12.47 -6.24 4.48
C1 V1Z I . 14.04 1.88 1.44
N1 V1Z I . 13.44 -0.25 2.32
C13 V1Z I . 11.68 -5.11 4.74
C14 V1Z I . 11.98 -3.88 4.19
C15 V1Z I . 16.98 -6.38 3.86
C16 V1Z I . 13.07 -3.74 3.33
C17 V1Z I . 17.74 -5.89 5.09
C19 V1Z I . 17.18 -7.94 6.24
C20 V1Z I . 16.21 -8.29 5.10
N18 V1Z I . 18.28 -7.07 5.79
N9 V1Z I . 15.79 -7.09 4.37
O1 V1Z I . 15.30 -7.08 1.92
O2 V1Z I . 14.04 -8.58 3.24
S1 V1Z I . 14.66 -7.31 3.20
#